data_3GUB
#
_entry.id   3GUB
#
_cell.length_a   46.839
_cell.length_b   62.881
_cell.length_c   88.467
_cell.angle_alpha   90.00
_cell.angle_beta   90.00
_cell.angle_gamma   90.00
#
_symmetry.space_group_name_H-M   'P 21 21 21'
#
loop_
_entity.id
_entity.type
_entity.pdbx_description
1 polymer 'Death-associated protein kinase 1'
2 non-polymer 9-alpha-L-lyxofuranosyl-N-(2-phenylethyl)-9H-purin-6-amine
3 non-polymer 'SULFATE ION'
4 water water
#
_entity_poly.entity_id   1
_entity_poly.type   'polypeptide(L)'
_entity_poly.pdbx_seq_one_letter_code
;MTVFRQENVDDYYDTGEELGSGQFAVVKKCREKSTGLQYAAKFIKKRRTKSSRRGVSREDIEREVSILKEIQHPNVITLH
EVYENKTDVILIGELVAGGELFDFLAEKESLTEEEATEFLKQILNGVYYLHSLQIAHFDLKPENIMLLDRNVPKPRIKII
DFGLAHKIDFGNEFKNIFGTPEFVAPEIVNYEPLGLEADMWSIGVITYILLSGASPFLGDTKQETLANVSAVNYEFEDEY
FSNTSALAKDFIRRLLVKDPKKRMTIQDSLQHPWIKPKDTQQALSSAWSHPQFEK
;
_entity_poly.pdbx_strand_id   A
#
# COMPACT_ATOMS: atom_id res chain seq x y z
N THR A 2 -18.30 -3.87 -16.42
CA THR A 2 -17.31 -3.80 -17.55
C THR A 2 -16.60 -5.12 -17.75
N VAL A 3 -16.33 -5.45 -19.01
N VAL A 3 -16.26 -5.41 -19.01
CA VAL A 3 -15.72 -6.72 -19.37
CA VAL A 3 -15.71 -6.68 -19.44
C VAL A 3 -14.23 -6.53 -19.74
C VAL A 3 -14.24 -6.55 -19.86
N PHE A 4 -13.46 -7.61 -19.63
CA PHE A 4 -12.03 -7.57 -19.90
C PHE A 4 -11.66 -8.54 -21.03
N ARG A 5 -10.41 -8.51 -21.47
CA ARG A 5 -9.94 -9.41 -22.55
C ARG A 5 -10.10 -10.89 -22.19
N GLN A 6 -10.86 -11.64 -23.03
CA GLN A 6 -11.16 -13.03 -22.72
C GLN A 6 -10.38 -14.07 -23.53
N GLU A 7 -9.40 -13.61 -24.31
CA GLU A 7 -8.44 -14.53 -24.88
C GLU A 7 -7.56 -15.13 -23.80
N ASN A 8 -6.99 -16.30 -24.06
CA ASN A 8 -6.10 -16.95 -23.09
C ASN A 8 -4.83 -16.10 -22.92
N VAL A 9 -4.53 -15.74 -21.69
N VAL A 9 -4.55 -15.73 -21.68
CA VAL A 9 -3.37 -14.89 -21.43
CA VAL A 9 -3.35 -14.94 -21.34
C VAL A 9 -2.05 -15.54 -21.88
C VAL A 9 -2.11 -15.56 -21.99
N ASP A 10 -2.03 -16.88 -21.90
CA ASP A 10 -0.83 -17.62 -22.34
C ASP A 10 -0.58 -17.54 -23.84
N ASP A 11 -1.56 -17.07 -24.60
CA ASP A 11 -1.39 -16.85 -26.04
C ASP A 11 -0.53 -15.62 -26.30
N TYR A 12 -0.46 -14.72 -25.31
CA TYR A 12 0.13 -13.38 -25.48
C TYR A 12 1.29 -13.14 -24.53
N TYR A 13 1.35 -13.95 -23.48
CA TYR A 13 2.39 -13.81 -22.46
C TYR A 13 2.95 -15.18 -22.03
N ASP A 14 4.23 -15.21 -21.67
CA ASP A 14 4.81 -16.32 -20.93
C ASP A 14 4.99 -15.91 -19.47
N THR A 15 4.65 -16.79 -18.53
CA THR A 15 4.88 -16.47 -17.10
C THR A 15 6.17 -17.13 -16.59
N GLY A 16 6.75 -16.54 -15.54
CA GLY A 16 7.96 -17.08 -14.92
C GLY A 16 7.81 -17.24 -13.42
N GLU A 17 8.81 -16.76 -12.68
CA GLU A 17 8.83 -16.88 -11.24
C GLU A 17 7.62 -16.23 -10.56
N GLU A 18 7.20 -16.80 -9.44
CA GLU A 18 6.22 -16.17 -8.57
C GLU A 18 6.87 -15.07 -7.74
N LEU A 19 6.26 -13.87 -7.78
CA LEU A 19 6.83 -12.70 -7.09
C LEU A 19 6.26 -12.49 -5.70
N GLY A 20 5.04 -12.96 -5.48
CA GLY A 20 4.43 -12.89 -4.15
C GLY A 20 2.94 -13.17 -4.20
N SER A 21 2.23 -12.90 -3.10
CA SER A 21 0.82 -13.30 -3.04
C SER A 21 -0.01 -12.53 -2.01
N GLY A 22 -1.33 -12.56 -2.20
CA GLY A 22 -2.32 -12.12 -1.24
C GLY A 22 -3.22 -13.29 -0.88
N GLN A 23 -4.44 -13.03 -0.45
CA GLN A 23 -5.29 -14.11 0.10
C GLN A 23 -5.54 -15.36 -0.78
N PHE A 24 -6.18 -15.23 -1.95
N PHE A 24 -6.45 -13.73 -1.78
CA PHE A 24 -6.66 -13.94 -2.45
CA PHE A 24 -6.97 -14.39 -2.99
C PHE A 24 -6.20 -13.62 -3.91
C PHE A 24 -6.18 -14.01 -4.26
N ALA A 25 -4.89 -13.68 -4.13
CA ALA A 25 -4.17 -13.20 -5.33
C ALA A 25 -2.73 -13.69 -5.34
N VAL A 26 -2.25 -14.08 -6.50
CA VAL A 26 -0.85 -14.47 -6.67
C VAL A 26 -0.27 -13.62 -7.79
N VAL A 27 0.98 -13.19 -7.62
CA VAL A 27 1.64 -12.32 -8.61
C VAL A 27 2.80 -13.08 -9.21
N LYS A 28 2.82 -13.14 -10.55
CA LYS A 28 3.86 -13.81 -11.30
C LYS A 28 4.55 -12.88 -12.26
N LYS A 29 5.86 -13.07 -12.43
CA LYS A 29 6.57 -12.40 -13.51
C LYS A 29 6.06 -12.92 -14.85
N CYS A 30 5.92 -12.01 -15.83
CA CYS A 30 5.58 -12.45 -17.17
C CYS A 30 6.27 -11.60 -18.24
N ARG A 31 6.21 -12.08 -19.48
CA ARG A 31 6.86 -11.44 -20.62
C ARG A 31 5.88 -11.39 -21.78
N GLU A 32 5.66 -10.20 -22.36
CA GLU A 32 4.74 -10.05 -23.49
C GLU A 32 5.41 -10.58 -24.75
N LYS A 33 4.75 -11.49 -25.44
CA LYS A 33 5.37 -12.13 -26.61
C LYS A 33 5.69 -11.15 -27.74
N SER A 34 4.81 -10.20 -27.98
CA SER A 34 4.93 -9.28 -29.10
C SER A 34 5.97 -8.18 -28.92
N THR A 35 6.31 -7.84 -27.67
CA THR A 35 7.25 -6.74 -27.40
C THR A 35 8.53 -7.19 -26.70
N GLY A 36 8.47 -8.36 -26.08
CA GLY A 36 9.53 -8.83 -25.21
C GLY A 36 9.62 -8.13 -23.87
N LEU A 37 8.68 -7.23 -23.61
CA LEU A 37 8.70 -6.50 -22.34
C LEU A 37 8.14 -7.31 -21.15
N GLN A 38 8.70 -7.04 -20.00
CA GLN A 38 8.33 -7.82 -18.82
C GLN A 38 7.40 -7.04 -17.90
N TYR A 39 6.51 -7.77 -17.26
CA TYR A 39 5.46 -7.20 -16.40
C TYR A 39 5.31 -8.09 -15.18
N ALA A 40 4.45 -7.65 -14.26
CA ALA A 40 3.99 -8.53 -13.18
C ALA A 40 2.49 -8.73 -13.34
N ALA A 41 2.04 -10.00 -13.31
CA ALA A 41 0.63 -10.32 -13.49
C ALA A 41 0.03 -10.71 -12.15
N LYS A 42 -1.01 -10.01 -11.74
CA LYS A 42 -1.71 -10.33 -10.49
C LYS A 42 -2.98 -11.13 -10.83
N PHE A 43 -3.01 -12.39 -10.43
CA PHE A 43 -4.17 -13.28 -10.70
C PHE A 43 -5.10 -13.21 -9.49
N ILE A 44 -6.30 -12.65 -9.67
CA ILE A 44 -7.25 -12.48 -8.59
C ILE A 44 -8.37 -13.50 -8.79
N LYS A 45 -8.59 -14.32 -7.78
CA LYS A 45 -9.70 -15.28 -7.82
C LYS A 45 -11.08 -14.63 -7.75
N LYS A 46 -11.91 -14.98 -8.74
CA LYS A 46 -13.31 -14.52 -8.78
C LYS A 46 -14.20 -15.27 -7.77
N ARG A 47 -15.27 -14.60 -7.33
CA ARG A 47 -16.36 -15.29 -6.61
C ARG A 47 -17.05 -16.27 -7.51
N ARG A 48 -17.33 -17.46 -6.97
CA ARG A 48 -17.96 -18.56 -7.71
C ARG A 48 -19.49 -18.54 -7.61
N THR A 49 -20.01 -17.87 -6.58
CA THR A 49 -21.46 -17.61 -6.45
C THR A 49 -21.66 -16.22 -5.87
N LYS A 50 -22.89 -15.72 -5.87
CA LYS A 50 -23.16 -14.41 -5.29
C LYS A 50 -23.06 -14.41 -3.77
N SER A 51 -23.47 -15.51 -3.16
CA SER A 51 -23.49 -15.65 -1.70
C SER A 51 -22.14 -16.05 -1.09
N SER A 52 -21.15 -16.35 -1.94
CA SER A 52 -19.87 -16.88 -1.47
C SER A 52 -19.03 -15.82 -0.76
N ARG A 53 -18.23 -16.25 0.22
CA ARG A 53 -17.29 -15.33 0.90
C ARG A 53 -15.86 -15.55 0.41
N ARG A 54 -15.66 -16.54 -0.45
CA ARG A 54 -14.35 -16.73 -1.07
C ARG A 54 -14.29 -16.03 -2.43
N GLY A 55 -13.07 -15.66 -2.80
CA GLY A 55 -12.84 -14.86 -3.98
C GLY A 55 -13.18 -13.40 -3.80
N VAL A 56 -12.87 -12.61 -4.82
CA VAL A 56 -13.14 -11.19 -4.83
C VAL A 56 -14.37 -10.93 -5.72
N SER A 57 -15.31 -10.12 -5.20
CA SER A 57 -16.52 -9.76 -5.91
C SER A 57 -16.19 -9.00 -7.17
N ARG A 58 -17.03 -9.11 -8.19
CA ARG A 58 -16.82 -8.31 -9.39
C ARG A 58 -16.78 -6.81 -9.15
N GLU A 59 -17.64 -6.32 -8.26
CA GLU A 59 -17.68 -4.91 -7.90
C GLU A 59 -16.29 -4.49 -7.41
N ASP A 60 -15.73 -5.26 -6.49
CA ASP A 60 -14.39 -4.96 -5.94
C ASP A 60 -13.30 -5.02 -7.01
N ILE A 61 -13.39 -6.00 -7.91
CA ILE A 61 -12.42 -6.08 -9.01
C ILE A 61 -12.53 -4.86 -9.93
N GLU A 62 -13.74 -4.50 -10.30
CA GLU A 62 -13.95 -3.37 -11.24
C GLU A 62 -13.50 -2.04 -10.64
N ARG A 63 -13.72 -1.87 -9.34
CA ARG A 63 -13.24 -0.67 -8.62
C ARG A 63 -11.72 -0.58 -8.72
N GLU A 64 -11.01 -1.66 -8.41
CA GLU A 64 -9.53 -1.67 -8.47
C GLU A 64 -9.05 -1.34 -9.89
N VAL A 65 -9.65 -1.97 -10.88
CA VAL A 65 -9.26 -1.67 -12.26
C VAL A 65 -9.51 -0.22 -12.66
N SER A 66 -10.66 0.31 -12.26
N SER A 66 -10.67 0.32 -12.28
CA SER A 66 -11.03 1.70 -12.59
CA SER A 66 -11.00 1.72 -12.62
C SER A 66 -10.04 2.70 -11.99
C SER A 66 -9.97 2.68 -12.02
N ILE A 67 -9.65 2.45 -10.74
CA ILE A 67 -8.69 3.32 -10.04
C ILE A 67 -7.34 3.19 -10.73
N LEU A 68 -6.88 1.97 -10.97
CA LEU A 68 -5.59 1.80 -11.61
C LEU A 68 -5.54 2.48 -12.99
N LYS A 69 -6.63 2.45 -13.74
CA LYS A 69 -6.57 3.10 -15.04
C LYS A 69 -6.33 4.60 -15.00
N GLU A 70 -6.61 5.24 -13.86
CA GLU A 70 -6.47 6.69 -13.70
C GLU A 70 -5.02 7.10 -13.45
N ILE A 71 -4.20 6.18 -12.95
CA ILE A 71 -2.94 6.62 -12.35
C ILE A 71 -1.70 6.48 -13.22
N GLN A 72 -0.86 7.49 -13.12
CA GLN A 72 0.49 7.54 -13.74
C GLN A 72 1.32 8.59 -13.01
N HIS A 73 2.29 8.11 -12.25
CA HIS A 73 3.17 8.96 -11.47
C HIS A 73 4.38 8.07 -11.15
N PRO A 74 5.60 8.67 -11.06
CA PRO A 74 6.79 7.85 -10.85
C PRO A 74 6.74 6.99 -9.59
N ASN A 75 5.98 7.42 -8.59
CA ASN A 75 5.97 6.67 -7.32
C ASN A 75 4.76 5.73 -7.13
N VAL A 76 4.12 5.38 -8.25
N VAL A 76 4.05 5.47 -8.23
CA VAL A 76 3.01 4.45 -8.26
CA VAL A 76 3.00 4.46 -8.23
C VAL A 76 3.08 3.51 -9.48
C VAL A 76 3.26 3.55 -9.43
N ILE A 77 2.59 2.29 -9.30
N ILE A 77 2.74 2.32 -9.37
CA ILE A 77 2.55 1.30 -10.37
CA ILE A 77 2.83 1.50 -10.56
C ILE A 77 1.62 1.70 -11.52
C ILE A 77 1.84 1.95 -11.62
N THR A 78 1.92 1.31 -12.76
CA THR A 78 0.95 1.52 -13.83
C THR A 78 0.30 0.20 -14.19
N LEU A 79 -0.94 0.25 -14.66
CA LEU A 79 -1.59 -0.95 -15.20
C LEU A 79 -1.36 -1.03 -16.73
N HIS A 80 -1.03 -2.23 -17.22
CA HIS A 80 -0.78 -2.43 -18.65
C HIS A 80 -1.98 -3.03 -19.41
N GLU A 81 -2.53 -4.13 -18.90
CA GLU A 81 -3.68 -4.80 -19.55
C GLU A 81 -4.45 -5.59 -18.54
N VAL A 82 -5.71 -5.92 -18.85
CA VAL A 82 -6.51 -6.77 -17.96
C VAL A 82 -7.14 -7.91 -18.77
N TYR A 83 -6.95 -9.14 -18.32
CA TYR A 83 -7.55 -10.30 -18.94
C TYR A 83 -8.50 -10.92 -17.95
N GLU A 84 -9.37 -11.80 -18.42
CA GLU A 84 -10.20 -12.54 -17.48
C GLU A 84 -10.63 -13.86 -18.06
N ASN A 85 -10.94 -14.81 -17.18
CA ASN A 85 -11.60 -16.04 -17.59
C ASN A 85 -12.57 -16.47 -16.49
N LYS A 86 -13.10 -17.69 -16.55
CA LYS A 86 -14.10 -18.11 -15.55
C LYS A 86 -13.62 -17.99 -14.10
N THR A 87 -12.32 -18.22 -13.87
CA THR A 87 -11.83 -18.31 -12.50
C THR A 87 -11.09 -17.10 -11.97
N ASP A 88 -10.41 -16.38 -12.87
CA ASP A 88 -9.53 -15.27 -12.51
C ASP A 88 -9.81 -14.00 -13.30
N VAL A 89 -9.50 -12.85 -12.68
CA VAL A 89 -9.15 -11.65 -13.45
C VAL A 89 -7.65 -11.53 -13.30
N ILE A 90 -7.00 -11.18 -14.40
CA ILE A 90 -5.55 -11.11 -14.45
C ILE A 90 -5.13 -9.70 -14.79
N LEU A 91 -4.56 -9.01 -13.80
CA LEU A 91 -4.16 -7.62 -13.99
C LEU A 91 -2.68 -7.62 -14.26
N ILE A 92 -2.33 -7.20 -15.49
N ILE A 92 -2.32 -7.20 -15.47
CA ILE A 92 -0.95 -7.13 -15.95
CA ILE A 92 -0.91 -7.18 -15.84
C ILE A 92 -0.48 -5.71 -15.71
C ILE A 92 -0.41 -5.75 -15.77
N GLY A 93 0.58 -5.54 -14.92
CA GLY A 93 1.09 -4.22 -14.66
C GLY A 93 2.59 -4.15 -14.46
N GLU A 94 3.04 -2.97 -14.02
CA GLU A 94 4.46 -2.63 -14.07
C GLU A 94 5.25 -3.49 -13.12
N LEU A 95 6.26 -4.18 -13.65
CA LEU A 95 7.16 -4.95 -12.81
C LEU A 95 8.06 -4.01 -12.02
N VAL A 96 8.20 -4.27 -10.71
CA VAL A 96 9.15 -3.52 -9.87
C VAL A 96 10.10 -4.56 -9.28
N ALA A 97 11.36 -4.48 -9.70
CA ALA A 97 12.29 -5.60 -9.64
C ALA A 97 13.16 -5.72 -8.38
N GLY A 98 13.11 -4.73 -7.49
CA GLY A 98 14.06 -4.64 -6.38
C GLY A 98 13.54 -5.10 -5.03
N GLY A 99 12.38 -5.71 -5.03
CA GLY A 99 11.79 -6.31 -3.85
C GLY A 99 11.04 -5.32 -2.97
N GLU A 100 10.43 -5.87 -1.92
CA GLU A 100 9.65 -5.08 -0.96
C GLU A 100 10.55 -4.25 -0.08
N LEU A 101 10.08 -3.06 0.28
CA LEU A 101 10.69 -2.30 1.35
C LEU A 101 10.75 -3.14 2.63
N PHE A 102 9.74 -3.98 2.87
CA PHE A 102 9.73 -4.89 4.03
C PHE A 102 11.00 -5.75 4.09
N ASP A 103 11.40 -6.26 2.92
CA ASP A 103 12.55 -7.16 2.86
C ASP A 103 13.99 -6.65 2.83
N PHE A 104 14.39 -5.64 2.04
CA PHE A 104 14.96 -4.35 2.47
C PHE A 104 15.24 -4.05 3.93
N LEU A 105 14.20 -3.76 4.68
CA LEU A 105 14.37 -3.40 6.07
C LEU A 105 14.88 -4.58 6.86
N ALA A 106 14.42 -5.78 6.53
CA ALA A 106 14.87 -7.00 7.22
C ALA A 106 16.35 -7.28 6.96
N GLU A 107 16.82 -6.90 5.76
CA GLU A 107 18.17 -7.23 5.29
C GLU A 107 18.75 -6.03 4.53
N LYS A 108 19.47 -5.11 5.19
CA LYS A 108 19.85 -5.10 6.60
C LYS A 108 18.76 -4.42 7.41
N GLU A 109 18.89 -4.43 8.73
CA GLU A 109 17.93 -3.74 9.58
C GLU A 109 18.58 -2.75 10.53
N SER A 110 19.02 -1.62 9.95
CA SER A 110 19.29 -0.36 10.67
C SER A 110 19.37 0.83 9.69
N LEU A 111 18.29 1.61 9.59
CA LEU A 111 18.28 2.83 8.72
C LEU A 111 18.61 4.13 9.44
N THR A 112 19.46 4.96 8.80
CA THR A 112 19.69 6.36 9.22
C THR A 112 18.43 7.21 9.03
N GLU A 113 18.33 8.40 9.65
CA GLU A 113 17.22 9.29 9.36
C GLU A 113 17.23 9.70 7.91
N GLU A 114 18.41 9.89 7.33
CA GLU A 114 18.45 10.28 5.92
C GLU A 114 17.94 9.20 4.97
N GLU A 115 18.29 7.95 5.23
CA GLU A 115 17.77 6.80 4.44
C GLU A 115 16.27 6.70 4.63
N ALA A 116 15.81 6.90 5.86
CA ALA A 116 14.38 6.89 6.14
C ALA A 116 13.65 8.03 5.41
N THR A 117 14.15 9.27 5.49
CA THR A 117 13.50 10.38 4.78
C THR A 117 13.58 10.25 3.26
N GLU A 118 14.64 9.64 2.74
CA GLU A 118 14.69 9.43 1.28
C GLU A 118 13.58 8.52 0.79
N PHE A 119 13.28 7.47 1.56
CA PHE A 119 12.14 6.61 1.26
C PHE A 119 10.86 7.39 1.47
N LEU A 120 10.78 8.04 2.63
CA LEU A 120 9.53 8.70 3.00
C LEU A 120 9.13 9.76 2.01
N LYS A 121 10.07 10.60 1.58
CA LYS A 121 9.76 11.65 0.61
C LYS A 121 9.07 11.10 -0.64
N GLN A 122 9.54 9.94 -1.11
CA GLN A 122 8.93 9.30 -2.29
C GLN A 122 7.54 8.77 -1.99
N ILE A 123 7.36 8.16 -0.81
CA ILE A 123 6.04 7.67 -0.43
C ILE A 123 5.09 8.87 -0.35
N LEU A 124 5.53 9.95 0.29
CA LEU A 124 4.69 11.14 0.42
C LEU A 124 4.36 11.72 -0.95
N ASN A 125 5.32 11.71 -1.87
CA ASN A 125 5.03 12.25 -3.21
C ASN A 125 3.95 11.40 -3.93
N GLY A 126 4.05 10.08 -3.79
CA GLY A 126 3.08 9.16 -4.42
C GLY A 126 1.70 9.34 -3.79
N VAL A 127 1.65 9.47 -2.47
CA VAL A 127 0.37 9.65 -1.75
C VAL A 127 -0.20 11.06 -2.03
N TYR A 128 0.67 12.04 -2.23
CA TYR A 128 0.21 13.38 -2.61
C TYR A 128 -0.54 13.31 -3.95
N TYR A 129 0.05 12.58 -4.90
CA TYR A 129 -0.55 12.37 -6.22
C TYR A 129 -1.93 11.70 -6.04
N LEU A 130 -1.95 10.58 -5.33
CA LEU A 130 -3.19 9.81 -5.17
C LEU A 130 -4.28 10.63 -4.46
N HIS A 131 -3.91 11.29 -3.37
CA HIS A 131 -4.88 12.05 -2.58
C HIS A 131 -5.41 13.25 -3.37
N SER A 132 -4.55 13.80 -4.24
CA SER A 132 -4.93 14.90 -5.12
C SER A 132 -6.04 14.43 -6.06
N LEU A 133 -5.99 13.16 -6.45
CA LEU A 133 -7.04 12.53 -7.26
C LEU A 133 -8.19 11.97 -6.43
N GLN A 134 -8.23 12.29 -5.13
CA GLN A 134 -9.25 11.77 -4.22
C GLN A 134 -9.20 10.24 -4.11
N ILE A 135 -8.02 9.65 -4.28
CA ILE A 135 -7.86 8.20 -4.09
C ILE A 135 -7.22 7.94 -2.72
N ALA A 136 -7.96 7.22 -1.87
CA ALA A 136 -7.42 6.61 -0.64
C ALA A 136 -6.90 5.22 -0.94
N HIS A 137 -5.66 4.95 -0.56
CA HIS A 137 -5.07 3.60 -0.86
C HIS A 137 -5.57 2.52 0.08
N PHE A 138 -5.58 2.89 1.36
CA PHE A 138 -6.12 2.08 2.45
C PHE A 138 -5.36 0.78 2.73
N ASP A 139 -4.20 0.56 2.14
CA ASP A 139 -3.41 -0.62 2.48
C ASP A 139 -1.92 -0.29 2.43
N LEU A 140 -1.56 0.92 2.87
CA LEU A 140 -0.14 1.29 2.92
C LEU A 140 0.61 0.53 4.04
N LYS A 141 1.68 -0.17 3.64
CA LYS A 141 2.55 -0.91 4.56
C LYS A 141 3.82 -1.27 3.76
N PRO A 142 4.93 -1.62 4.45
CA PRO A 142 6.20 -1.91 3.77
C PRO A 142 6.10 -3.01 2.71
N GLU A 143 5.20 -3.98 2.88
CA GLU A 143 4.96 -5.01 1.84
C GLU A 143 4.42 -4.47 0.49
N ASN A 144 3.81 -3.30 0.55
CA ASN A 144 3.23 -2.61 -0.59
C ASN A 144 4.03 -1.41 -1.12
N ILE A 145 5.31 -1.34 -0.73
CA ILE A 145 6.21 -0.32 -1.24
C ILE A 145 7.34 -1.12 -1.87
N MET A 146 7.53 -0.98 -3.17
CA MET A 146 8.50 -1.83 -3.90
C MET A 146 9.66 -0.96 -4.36
N LEU A 147 10.87 -1.51 -4.27
N LEU A 147 10.87 -1.48 -4.26
CA LEU A 147 12.09 -0.85 -4.74
CA LEU A 147 12.06 -0.76 -4.73
C LEU A 147 12.31 -1.14 -6.22
C LEU A 147 12.34 -1.13 -6.19
N LEU A 148 12.71 -0.13 -6.99
CA LEU A 148 13.07 -0.38 -8.39
C LEU A 148 14.36 -1.18 -8.51
N ASP A 149 15.35 -0.79 -7.69
CA ASP A 149 16.67 -1.43 -7.67
C ASP A 149 17.25 -1.31 -6.25
N ARG A 150 17.46 -2.44 -5.58
CA ARG A 150 17.84 -2.42 -4.16
C ARG A 150 19.35 -2.17 -3.97
N ASN A 151 20.11 -2.22 -5.05
CA ASN A 151 21.59 -2.11 -4.99
C ASN A 151 22.18 -0.72 -5.22
N VAL A 152 21.34 0.31 -5.11
CA VAL A 152 21.76 1.69 -5.25
C VAL A 152 21.66 2.31 -3.83
N PRO A 153 22.49 3.33 -3.53
CA PRO A 153 22.43 3.87 -2.15
C PRO A 153 21.09 4.55 -1.76
N LYS A 154 20.38 5.11 -2.74
CA LYS A 154 19.10 5.79 -2.49
C LYS A 154 17.96 5.20 -3.35
N PRO A 155 17.48 4.00 -2.97
CA PRO A 155 16.53 3.30 -3.83
C PRO A 155 15.25 4.07 -4.14
N ARG A 156 14.81 4.01 -5.40
CA ARG A 156 13.55 4.59 -5.84
C ARG A 156 12.44 3.61 -5.56
N ILE A 157 11.27 4.12 -5.18
CA ILE A 157 10.17 3.22 -4.85
C ILE A 157 8.87 3.51 -5.63
N LYS A 158 8.00 2.50 -5.64
CA LYS A 158 6.67 2.61 -6.20
C LYS A 158 5.66 1.94 -5.25
N ILE A 159 4.53 2.61 -5.03
CA ILE A 159 3.42 2.07 -4.27
C ILE A 159 2.65 1.06 -5.13
N ILE A 160 2.36 -0.10 -4.55
CA ILE A 160 1.60 -1.13 -5.27
C ILE A 160 0.33 -1.55 -4.50
N ASP A 161 -0.44 -2.44 -5.13
CA ASP A 161 -1.61 -3.10 -4.57
C ASP A 161 -2.77 -2.16 -4.19
N PHE A 162 -3.62 -1.92 -5.19
CA PHE A 162 -4.78 -1.05 -5.04
C PHE A 162 -6.06 -1.84 -4.76
N GLY A 163 -5.91 -3.03 -4.17
CA GLY A 163 -7.04 -3.91 -3.86
C GLY A 163 -8.05 -3.33 -2.88
N LEU A 164 -7.59 -2.43 -2.01
CA LEU A 164 -8.53 -1.80 -1.06
C LEU A 164 -8.79 -0.33 -1.35
N ALA A 165 -8.20 0.16 -2.44
CA ALA A 165 -8.25 1.60 -2.78
C ALA A 165 -9.68 2.03 -3.11
N HIS A 166 -10.07 3.20 -2.63
CA HIS A 166 -11.39 3.77 -2.95
C HIS A 166 -11.26 5.23 -3.34
N LYS A 167 -12.14 5.64 -4.26
N LYS A 167 -12.15 5.66 -4.24
CA LYS A 167 -12.34 7.05 -4.53
CA LYS A 167 -12.30 7.08 -4.57
C LYS A 167 -13.09 7.60 -3.32
C LYS A 167 -13.20 7.74 -3.53
N ILE A 168 -12.67 8.79 -2.88
CA ILE A 168 -13.35 9.49 -1.79
C ILE A 168 -13.94 10.76 -2.39
N ASP A 169 -15.16 10.66 -2.89
CA ASP A 169 -15.81 11.80 -3.55
C ASP A 169 -16.72 12.62 -2.63
N PHE A 170 -17.02 12.05 -1.45
CA PHE A 170 -17.92 12.69 -0.47
C PHE A 170 -17.22 12.86 0.86
N GLY A 171 -15.91 13.11 0.84
CA GLY A 171 -15.17 13.37 2.09
C GLY A 171 -14.90 12.11 2.91
N ASN A 172 -15.84 11.16 2.89
CA ASN A 172 -15.63 9.84 3.53
C ASN A 172 -16.38 8.72 2.81
N GLU A 173 -15.98 7.48 3.07
CA GLU A 173 -16.73 6.33 2.60
C GLU A 173 -17.09 5.42 3.79
N PHE A 174 -18.22 4.72 3.68
CA PHE A 174 -18.64 3.84 4.77
C PHE A 174 -18.97 2.45 4.26
N LYS A 175 -17.97 1.55 4.30
CA LYS A 175 -18.21 0.16 3.89
C LYS A 175 -17.24 -0.88 4.43
N ASN A 176 -16.75 -0.68 5.66
CA ASN A 176 -16.01 -1.71 6.42
C ASN A 176 -14.74 -2.26 5.76
N ILE A 177 -14.14 -1.46 4.89
CA ILE A 177 -12.76 -1.59 4.44
C ILE A 177 -11.89 -1.87 5.67
N PHE A 178 -10.95 -2.80 5.56
CA PHE A 178 -10.09 -3.21 6.69
C PHE A 178 -8.78 -3.89 6.19
N GLY A 179 -7.65 -3.25 6.44
CA GLY A 179 -6.34 -3.80 6.03
C GLY A 179 -5.64 -4.59 7.14
N THR A 180 -4.32 -4.47 7.19
CA THR A 180 -3.48 -5.20 8.15
C THR A 180 -3.48 -4.50 9.51
N PRO A 181 -3.86 -5.23 10.59
CA PRO A 181 -4.02 -4.62 11.92
C PRO A 181 -2.92 -3.65 12.36
N GLU A 182 -1.67 -3.98 12.08
CA GLU A 182 -0.57 -3.12 12.56
C GLU A 182 -0.57 -1.73 11.93
N PHE A 183 -1.27 -1.60 10.80
CA PHE A 183 -1.14 -0.37 9.97
C PHE A 183 -2.45 0.37 9.82
N VAL A 184 -3.54 -0.19 10.35
CA VAL A 184 -4.83 0.49 10.17
C VAL A 184 -5.06 1.60 11.21
N ALA A 185 -5.74 2.66 10.79
CA ALA A 185 -6.06 3.81 11.67
C ALA A 185 -7.17 3.45 12.66
N PRO A 186 -7.29 4.19 13.77
CA PRO A 186 -8.37 3.90 14.75
C PRO A 186 -9.77 3.88 14.14
N GLU A 187 -10.03 4.75 13.17
CA GLU A 187 -11.36 4.80 12.52
C GLU A 187 -11.70 3.51 11.77
N ILE A 188 -10.69 2.81 11.26
CA ILE A 188 -10.89 1.51 10.63
C ILE A 188 -11.23 0.50 11.73
N VAL A 189 -10.47 0.52 12.83
CA VAL A 189 -10.71 -0.39 13.97
C VAL A 189 -12.12 -0.24 14.52
N ASN A 190 -12.58 1.01 14.58
CA ASN A 190 -13.86 1.35 15.16
C ASN A 190 -15.03 1.37 14.17
N TYR A 191 -14.76 0.98 12.91
CA TYR A 191 -15.77 0.91 11.86
C TYR A 191 -16.49 2.24 11.68
N GLU A 192 -15.71 3.32 11.70
CA GLU A 192 -16.21 4.69 11.47
C GLU A 192 -16.01 5.05 10.00
N PRO A 193 -16.69 6.11 9.52
CA PRO A 193 -16.48 6.48 8.12
C PRO A 193 -15.00 6.83 7.85
N LEU A 194 -14.55 6.50 6.65
CA LEU A 194 -13.12 6.55 6.35
C LEU A 194 -12.82 7.55 5.25
N GLY A 195 -11.67 8.20 5.32
CA GLY A 195 -11.33 9.17 4.27
C GLY A 195 -9.85 9.07 4.01
N LEU A 196 -9.31 10.12 3.38
CA LEU A 196 -7.86 10.17 3.10
C LEU A 196 -6.98 10.15 4.33
N GLU A 197 -7.53 10.55 5.47
CA GLU A 197 -6.76 10.62 6.71
C GLU A 197 -6.19 9.25 7.13
N ALA A 198 -6.89 8.16 6.83
CA ALA A 198 -6.46 6.84 7.28
C ALA A 198 -5.06 6.54 6.71
N ASP A 199 -4.83 6.91 5.46
CA ASP A 199 -3.49 6.71 4.84
C ASP A 199 -2.38 7.47 5.58
N MET A 200 -2.71 8.66 6.08
CA MET A 200 -1.73 9.46 6.84
C MET A 200 -1.32 8.77 8.16
N TRP A 201 -2.28 8.12 8.82
CA TRP A 201 -1.96 7.31 9.98
C TRP A 201 -0.98 6.19 9.58
N SER A 202 -1.30 5.50 8.49
CA SER A 202 -0.45 4.37 8.05
C SER A 202 0.95 4.84 7.77
N ILE A 203 1.07 6.03 7.17
CA ILE A 203 2.39 6.63 6.97
C ILE A 203 3.16 6.87 8.29
N GLY A 204 2.46 7.33 9.34
CA GLY A 204 3.10 7.49 10.66
C GLY A 204 3.65 6.16 11.17
N VAL A 205 2.89 5.08 10.96
CA VAL A 205 3.32 3.73 11.39
C VAL A 205 4.54 3.30 10.62
N ILE A 206 4.48 3.44 9.30
CA ILE A 206 5.63 3.13 8.44
C ILE A 206 6.87 3.92 8.86
N THR A 207 6.71 5.21 9.12
CA THR A 207 7.85 6.04 9.56
C THR A 207 8.46 5.53 10.88
N TYR A 208 7.61 5.22 11.85
CA TYR A 208 8.12 4.66 13.11
C TYR A 208 8.97 3.39 12.86
N ILE A 209 8.46 2.49 12.04
CA ILE A 209 9.15 1.25 11.69
C ILE A 209 10.49 1.52 10.97
N LEU A 210 10.48 2.44 10.01
CA LEU A 210 11.72 2.78 9.28
C LEU A 210 12.80 3.26 10.22
N LEU A 211 12.45 4.05 11.23
CA LEU A 211 13.48 4.58 12.15
C LEU A 211 13.99 3.62 13.22
N SER A 212 13.13 2.69 13.63
CA SER A 212 13.36 1.87 14.82
C SER A 212 13.49 0.39 14.55
N GLY A 213 12.87 -0.09 13.48
CA GLY A 213 12.80 -1.53 13.22
C GLY A 213 11.74 -2.22 14.07
N ALA A 214 10.93 -1.45 14.79
CA ALA A 214 9.89 -2.02 15.63
C ALA A 214 8.53 -1.48 15.22
N SER A 215 7.50 -2.28 15.44
CA SER A 215 6.11 -1.95 15.08
C SER A 215 5.42 -1.31 16.30
N PRO A 216 4.87 -0.09 16.14
CA PRO A 216 4.49 0.68 17.32
C PRO A 216 3.30 0.15 18.13
N PHE A 217 2.38 -0.54 17.47
CA PHE A 217 1.13 -0.99 18.11
C PHE A 217 1.02 -2.49 18.27
N LEU A 218 2.02 -3.21 17.81
CA LEU A 218 1.92 -4.68 17.71
C LEU A 218 1.74 -5.40 19.05
N GLY A 219 0.67 -6.19 19.13
CA GLY A 219 0.45 -7.10 20.26
C GLY A 219 0.68 -8.54 19.89
N ASP A 220 0.39 -9.44 20.84
CA ASP A 220 0.58 -10.87 20.63
C ASP A 220 -0.52 -11.51 19.81
N THR A 221 -1.66 -10.82 19.69
CA THR A 221 -2.75 -11.27 18.83
C THR A 221 -3.27 -10.09 18.01
N LYS A 222 -4.00 -10.37 16.93
CA LYS A 222 -4.55 -9.30 16.09
C LYS A 222 -5.50 -8.44 16.91
N GLN A 223 -6.30 -9.12 17.74
N GLN A 223 -6.32 -9.06 17.74
CA GLN A 223 -7.20 -8.47 18.70
CA GLN A 223 -7.24 -8.26 18.57
C GLN A 223 -6.48 -7.36 19.47
C GLN A 223 -6.50 -7.31 19.54
N GLU A 224 -5.37 -7.75 20.10
CA GLU A 224 -4.58 -6.88 20.97
C GLU A 224 -3.96 -5.73 20.17
N THR A 225 -3.49 -6.00 18.97
CA THR A 225 -2.97 -4.95 18.07
C THR A 225 -4.04 -3.89 17.81
N LEU A 226 -5.22 -4.36 17.43
CA LEU A 226 -6.31 -3.45 17.13
C LEU A 226 -6.70 -2.64 18.35
N ALA A 227 -6.75 -3.26 19.52
CA ALA A 227 -7.07 -2.48 20.74
C ALA A 227 -6.00 -1.41 21.04
N ASN A 228 -4.73 -1.77 20.80
CA ASN A 228 -3.62 -0.84 20.97
C ASN A 228 -3.77 0.40 20.04
N VAL A 229 -4.09 0.12 18.79
CA VAL A 229 -4.33 1.17 17.78
C VAL A 229 -5.45 2.08 18.24
N SER A 230 -6.58 1.50 18.65
CA SER A 230 -7.73 2.35 19.01
C SER A 230 -7.41 3.27 20.20
N ALA A 231 -6.60 2.78 21.14
CA ALA A 231 -6.22 3.52 22.34
C ALA A 231 -4.99 4.41 22.13
N VAL A 232 -4.42 4.38 20.92
CA VAL A 232 -3.18 5.10 20.60
C VAL A 232 -2.09 4.73 21.64
N ASN A 233 -1.96 3.43 21.85
CA ASN A 233 -1.03 2.86 22.83
C ASN A 233 0.30 2.57 22.16
N TYR A 234 1.11 3.62 22.01
CA TYR A 234 2.48 3.50 21.51
C TYR A 234 3.35 4.52 22.24
N GLU A 235 4.64 4.25 22.26
CA GLU A 235 5.59 5.23 22.78
C GLU A 235 6.94 5.06 22.08
N PHE A 236 7.79 6.06 22.20
CA PHE A 236 9.12 6.00 21.60
C PHE A 236 10.13 5.40 22.58
N GLU A 237 10.44 4.11 22.38
CA GLU A 237 11.39 3.41 23.25
C GLU A 237 12.78 4.01 23.13
N ASP A 238 13.37 4.44 24.26
CA ASP A 238 14.71 5.03 24.21
C ASP A 238 15.73 4.09 23.56
N GLU A 239 15.59 2.79 23.78
CA GLU A 239 16.56 1.85 23.19
C GLU A 239 16.62 2.01 21.67
N TYR A 240 15.47 2.31 21.06
CA TYR A 240 15.38 2.44 19.61
C TYR A 240 15.54 3.90 19.16
N PHE A 241 15.07 4.82 19.99
CA PHE A 241 14.94 6.21 19.55
C PHE A 241 15.89 7.24 20.19
N SER A 242 16.76 6.80 21.09
CA SER A 242 17.59 7.72 21.93
C SER A 242 18.39 8.74 21.13
N ASN A 243 18.84 8.35 19.94
CA ASN A 243 19.55 9.29 19.06
C ASN A 243 18.81 9.61 17.75
N THR A 244 17.49 9.48 17.77
CA THR A 244 16.63 9.94 16.67
C THR A 244 16.24 11.38 16.99
N SER A 245 16.22 12.24 15.98
CA SER A 245 15.98 13.67 16.20
C SER A 245 14.58 13.94 16.74
N ALA A 246 14.45 15.00 17.53
CA ALA A 246 13.15 15.39 18.04
C ALA A 246 12.17 15.72 16.92
N LEU A 247 12.67 16.29 15.81
CA LEU A 247 11.81 16.59 14.67
C LEU A 247 11.21 15.35 14.02
N ALA A 248 11.98 14.26 13.96
CA ALA A 248 11.45 12.98 13.43
C ALA A 248 10.30 12.50 14.30
N LYS A 249 10.54 12.52 15.62
CA LYS A 249 9.48 12.18 16.57
C LYS A 249 8.25 13.10 16.46
N ASP A 250 8.46 14.40 16.30
CA ASP A 250 7.38 15.37 16.07
C ASP A 250 6.52 14.97 14.86
N PHE A 251 7.20 14.64 13.76
CA PHE A 251 6.52 14.19 12.53
C PHE A 251 5.58 13.00 12.81
N ILE A 252 6.10 11.97 13.46
CA ILE A 252 5.31 10.76 13.73
C ILE A 252 4.14 11.12 14.67
N ARG A 253 4.43 11.93 15.69
CA ARG A 253 3.41 12.34 16.66
C ARG A 253 2.21 13.03 16.01
N ARG A 254 2.46 13.79 14.95
CA ARG A 254 1.38 14.53 14.30
C ARG A 254 0.58 13.70 13.30
N LEU A 255 1.07 12.49 13.03
CA LEU A 255 0.32 11.54 12.18
C LEU A 255 -0.46 10.51 13.01
N LEU A 256 0.14 10.09 14.14
CA LEU A 256 -0.49 9.07 15.00
C LEU A 256 -1.46 9.74 16.00
N VAL A 257 -2.51 10.32 15.43
CA VAL A 257 -3.50 11.14 16.17
C VAL A 257 -4.85 10.46 15.96
N LYS A 258 -5.58 10.19 17.04
CA LYS A 258 -6.84 9.44 16.92
C LYS A 258 -7.89 10.16 16.06
N ASP A 259 -8.10 11.46 16.34
CA ASP A 259 -9.10 12.24 15.64
C ASP A 259 -8.59 12.56 14.24
N PRO A 260 -9.22 11.98 13.22
CA PRO A 260 -8.68 12.16 11.85
C PRO A 260 -8.68 13.62 11.43
N LYS A 261 -9.58 14.42 12.01
CA LYS A 261 -9.63 15.83 11.70
C LYS A 261 -8.40 16.59 12.21
N LYS A 262 -7.71 16.04 13.21
CA LYS A 262 -6.57 16.73 13.81
C LYS A 262 -5.22 16.22 13.31
N ARG A 263 -5.30 15.19 12.47
CA ARG A 263 -4.13 14.50 11.94
C ARG A 263 -3.52 15.32 10.78
N MET A 264 -2.20 15.28 10.61
CA MET A 264 -1.61 15.99 9.48
C MET A 264 -2.18 15.45 8.16
N THR A 265 -2.44 16.36 7.24
CA THR A 265 -2.81 15.97 5.86
C THR A 265 -1.53 15.72 5.04
N ILE A 266 -1.70 15.19 3.84
CA ILE A 266 -0.55 14.98 2.94
C ILE A 266 0.18 16.30 2.66
N GLN A 267 -0.57 17.36 2.37
CA GLN A 267 0.10 18.67 2.16
C GLN A 267 0.84 19.16 3.40
N ASP A 268 0.22 18.99 4.58
CA ASP A 268 0.85 19.35 5.87
C ASP A 268 2.19 18.57 5.97
N SER A 269 2.19 17.27 5.63
N SER A 269 2.18 17.29 5.63
CA SER A 269 3.35 16.41 5.83
CA SER A 269 3.35 16.42 5.80
C SER A 269 4.54 16.86 4.99
C SER A 269 4.54 16.86 4.99
N LEU A 270 4.26 17.33 3.78
CA LEU A 270 5.30 17.82 2.87
C LEU A 270 5.90 19.17 3.31
N GLN A 271 5.15 19.96 4.08
CA GLN A 271 5.63 21.25 4.61
C GLN A 271 6.28 21.13 5.98
N HIS A 272 6.16 19.96 6.62
CA HIS A 272 6.68 19.76 7.97
C HIS A 272 8.20 19.95 7.98
N PRO A 273 8.75 20.67 8.98
CA PRO A 273 10.21 20.96 8.93
C PRO A 273 11.16 19.75 8.81
N TRP A 274 10.71 18.55 9.16
CA TRP A 274 11.57 17.39 9.04
C TRP A 274 11.69 17.01 7.55
N ILE A 275 10.68 17.36 6.76
CA ILE A 275 10.57 16.94 5.36
C ILE A 275 10.94 18.07 4.40
N LYS A 276 10.41 19.27 4.66
CA LYS A 276 10.57 20.43 3.77
C LYS A 276 12.04 20.79 3.62
N PRO A 277 12.52 20.87 2.36
CA PRO A 277 13.95 21.12 2.15
C PRO A 277 14.32 22.57 2.40
N GLN A 292 -8.86 -8.89 9.68
CA GLN A 292 -9.09 -8.41 11.05
C GLN A 292 -9.10 -9.55 12.09
N PHE A 293 -9.55 -10.74 11.68
CA PHE A 293 -9.85 -11.84 12.61
C PHE A 293 -8.82 -12.97 12.56
#